data_8XUF
#
_entry.id   8XUF
#
_cell.length_a   79.442
_cell.length_b   79.442
_cell.length_c   93.729
_cell.angle_alpha   90.000
_cell.angle_beta   90.000
_cell.angle_gamma   90.000
#
_symmetry.space_group_name_H-M   'P 42 21 2'
#
loop_
_entity.id
_entity.type
_entity.pdbx_description
1 polymer "DNA (5'-D(*TP*TP*CP*AP*TP*AP*AP*AP*GP*TP*AP*TP*AP*CP*TP*TP*TP*AP*TP*G)-3')"
2 polymer "DNA (5'-D(*AP*AP*CP*AP*TP*AP*AP*AP*GP*TP*AP*TP*AP*CP*TP*TP*TP*AP*TP*G)-3')"
3 polymer CDF1
4 non-polymer 'ZINC ION'
5 water water
#
loop_
_entity_poly.entity_id
_entity_poly.type
_entity_poly.pdbx_seq_one_letter_code
_entity_poly.pdbx_strand_id
1 'polydeoxyribonucleotide' (DT)(DT)(DC)(DA)(DT)(DA)(DA)(DA)(DG)(DT)(DA)(DT)(DA)(DC)(DT)(DT)(DT)(DA)(DT)(DG) A
2 'polydeoxyribonucleotide' (DA)(DA)(DC)(DA)(DT)(DA)(DA)(DA)(DG)(DT)(DA)(DT)(DA)(DC)(DT)(DT)(DT)(DA)(DT)(DG) B
3 'polypeptide(L)' GPLGSPTKILPCPRCNSMETKFCYYNNYNVNQPRHFCKACQRYWTSGGTMRSVPIGAGRRKNKNN C,D
#
# COMPACT_ATOMS: atom_id res chain seq x y z
N PRO C 6 -6.06 -6.15 -17.66
CA PRO C 6 -6.31 -7.58 -17.88
C PRO C 6 -6.98 -8.25 -16.68
N THR C 7 -7.96 -9.14 -16.90
CA THR C 7 -8.69 -9.80 -15.81
C THR C 7 -8.55 -11.31 -15.96
N LYS C 8 -8.24 -11.77 -17.15
CA LYS C 8 -8.02 -13.22 -17.35
C LYS C 8 -7.02 -13.69 -16.31
N ILE C 9 -7.31 -14.82 -15.67
CA ILE C 9 -6.40 -15.32 -14.60
C ILE C 9 -5.35 -16.18 -15.28
N LEU C 10 -4.08 -15.94 -14.94
CA LEU C 10 -3.01 -16.66 -15.64
C LEU C 10 -2.31 -17.57 -14.66
N PRO C 11 -1.89 -18.76 -15.10
CA PRO C 11 -1.12 -19.66 -14.23
C PRO C 11 0.25 -19.07 -13.93
N CYS C 12 0.74 -19.36 -12.74
CA CYS C 12 2.08 -18.90 -12.36
C CYS C 12 3.12 -19.78 -13.03
N PRO C 13 4.03 -19.19 -13.84
CA PRO C 13 5.05 -20.01 -14.51
C PRO C 13 5.99 -20.71 -13.56
N ARG C 14 6.14 -20.20 -12.34
CA ARG C 14 7.08 -20.77 -11.39
C ARG C 14 6.53 -22.03 -10.73
N CYS C 15 5.38 -21.93 -10.07
CA CYS C 15 4.83 -23.04 -9.31
C CYS C 15 3.62 -23.69 -9.94
N ASN C 16 3.10 -23.15 -11.05
CA ASN C 16 1.98 -23.66 -11.86
C ASN C 16 0.61 -23.35 -11.25
N SER C 17 0.52 -22.64 -10.12
CA SER C 17 -0.76 -22.41 -9.48
C SER C 17 -1.63 -21.44 -10.27
N MET C 18 -2.94 -21.53 -10.02
CA MET C 18 -3.91 -20.64 -10.63
C MET C 18 -4.46 -19.60 -9.67
N GLU C 19 -3.99 -19.57 -8.42
CA GLU C 19 -4.39 -18.53 -7.47
C GLU C 19 -3.50 -17.30 -7.67
N THR C 20 -3.63 -16.68 -8.84
CA THR C 20 -2.80 -15.54 -9.23
C THR C 20 -3.68 -14.34 -9.51
N LYS C 21 -3.04 -13.18 -9.59
CA LYS C 21 -3.76 -11.92 -9.72
C LYS C 21 -2.92 -10.91 -10.49
N PHE C 22 -3.54 -10.22 -11.45
CA PHE C 22 -2.89 -9.09 -12.09
C PHE C 22 -2.74 -7.95 -11.09
N CYS C 23 -1.57 -7.31 -11.09
CA CYS C 23 -1.33 -6.25 -10.14
C CYS C 23 -1.10 -4.90 -10.79
N TYR C 24 -0.19 -4.80 -11.75
CA TYR C 24 0.15 -3.51 -12.35
C TYR C 24 1.01 -3.75 -13.58
N TYR C 25 1.15 -2.70 -14.38
CA TYR C 25 2.04 -2.71 -15.53
C TYR C 25 3.43 -2.27 -15.10
N ASN C 26 4.41 -3.15 -15.20
CA ASN C 26 5.75 -2.81 -14.75
C ASN C 26 6.35 -1.79 -15.70
N ASN C 27 7.10 -0.84 -15.14
CA ASN C 27 7.79 0.18 -15.92
C ASN C 27 6.85 0.97 -16.82
N TYR C 28 5.61 1.20 -16.35
CA TYR C 28 4.63 2.00 -17.08
C TYR C 28 4.44 1.47 -18.50
N ASN C 29 4.69 0.18 -18.69
CA ASN C 29 4.67 -0.42 -20.02
C ASN C 29 3.52 -1.42 -20.07
N VAL C 30 2.61 -1.23 -21.02
CA VAL C 30 1.44 -2.08 -21.15
C VAL C 30 1.85 -3.48 -21.59
N ASN C 31 3.06 -3.64 -22.10
CA ASN C 31 3.57 -4.94 -22.51
C ASN C 31 4.22 -5.70 -21.37
N GLN C 32 4.21 -5.16 -20.16
CA GLN C 32 4.77 -5.85 -19.00
C GLN C 32 3.72 -6.02 -17.91
N PRO C 33 2.61 -6.70 -18.19
CA PRO C 33 1.61 -6.91 -17.13
C PRO C 33 2.22 -7.79 -16.05
N ARG C 34 2.34 -7.23 -14.84
CA ARG C 34 2.95 -7.95 -13.74
C ARG C 34 1.87 -8.55 -12.84
N HIS C 35 1.98 -9.86 -12.61
CA HIS C 35 1.02 -10.63 -11.85
C HIS C 35 1.67 -11.08 -10.55
N PHE C 36 0.85 -11.59 -9.64
CA PHE C 36 1.32 -12.12 -8.37
C PHE C 36 0.70 -13.48 -8.14
N CYS C 37 1.51 -14.43 -7.72
CA CYS C 37 1.04 -15.78 -7.43
C CYS C 37 0.90 -15.93 -5.93
N LYS C 38 -0.36 -15.90 -5.47
CA LYS C 38 -0.64 -16.04 -4.04
C LYS C 38 -0.11 -17.36 -3.47
N ALA C 39 0.01 -18.39 -4.31
CA ALA C 39 0.51 -19.68 -3.83
C ALA C 39 1.97 -19.62 -3.46
N CYS C 40 2.86 -19.39 -4.45
CA CYS C 40 4.28 -19.33 -4.16
C CYS C 40 4.72 -17.97 -3.61
N GLN C 41 3.85 -16.97 -3.61
CA GLN C 41 4.15 -15.64 -3.06
C GLN C 41 5.24 -14.90 -3.84
N ARG C 42 5.22 -15.00 -5.17
CA ARG C 42 6.22 -14.36 -6.03
C ARG C 42 5.55 -13.64 -7.20
N TYR C 43 6.06 -12.45 -7.53
CA TYR C 43 5.59 -11.70 -8.69
C TYR C 43 6.24 -12.21 -9.96
N TRP C 44 5.57 -11.99 -11.08
CA TRP C 44 6.18 -12.26 -12.38
C TRP C 44 5.62 -11.30 -13.42
N THR C 45 6.41 -11.03 -14.46
CA THR C 45 5.93 -10.26 -15.59
C THR C 45 5.56 -11.25 -16.70
N SER C 46 4.29 -11.27 -17.06
CA SER C 46 3.84 -12.23 -18.07
C SER C 46 4.48 -11.88 -19.40
N GLY C 47 5.10 -12.87 -20.02
CA GLY C 47 5.80 -12.63 -21.26
C GLY C 47 7.22 -12.10 -21.10
N GLY C 48 7.66 -11.85 -19.86
CA GLY C 48 8.98 -11.34 -19.61
C GLY C 48 9.88 -12.41 -19.03
N THR C 49 11.14 -12.04 -18.87
CA THR C 49 12.12 -12.98 -18.33
C THR C 49 11.88 -13.12 -16.84
N MET C 50 12.14 -14.31 -16.30
CA MET C 50 12.00 -14.54 -14.87
C MET C 50 13.35 -14.95 -14.30
N ARG C 51 13.63 -14.47 -13.09
CA ARG C 51 14.85 -14.81 -12.39
C ARG C 51 14.52 -15.51 -11.08
N SER C 52 15.52 -16.19 -10.54
CA SER C 52 15.36 -16.93 -9.29
C SER C 52 15.28 -15.93 -8.15
N VAL C 53 14.09 -15.72 -7.61
CA VAL C 53 13.90 -14.73 -6.55
C VAL C 53 13.50 -15.43 -5.25
N PRO C 54 13.82 -14.87 -4.09
CA PRO C 54 13.40 -15.50 -2.83
C PRO C 54 11.89 -15.65 -2.80
N ILE C 55 11.45 -16.88 -2.67
CA ILE C 55 10.05 -17.24 -2.56
C ILE C 55 9.52 -16.78 -1.21
N GLY C 56 8.63 -15.79 -1.22
CA GLY C 56 8.11 -15.21 0.01
C GLY C 56 8.30 -13.71 0.06
N PRO D 6 -7.55 20.36 2.97
CA PRO D 6 -6.66 19.24 3.32
C PRO D 6 -5.22 19.49 2.85
N THR D 7 -4.87 20.74 2.62
CA THR D 7 -3.52 21.09 2.19
C THR D 7 -2.59 21.47 3.35
N LYS D 8 -3.07 22.31 4.28
CA LYS D 8 -2.24 22.81 5.37
C LYS D 8 -1.63 21.67 6.19
N ILE D 9 -0.38 21.85 6.59
CA ILE D 9 0.33 20.86 7.38
C ILE D 9 0.03 21.11 8.86
N LEU D 10 -0.34 20.04 9.56
CA LEU D 10 -0.78 20.20 10.94
C LEU D 10 0.21 19.56 11.91
N PRO D 11 0.46 20.19 13.05
CA PRO D 11 1.33 19.55 14.05
C PRO D 11 0.68 18.32 14.64
N CYS D 12 1.51 17.37 15.02
CA CYS D 12 1.02 16.15 15.66
C CYS D 12 0.59 16.47 17.08
N PRO D 13 -0.65 16.17 17.48
CA PRO D 13 -1.10 16.49 18.82
C PRO D 13 -0.35 15.67 19.85
N ARG D 14 0.15 14.50 19.44
CA ARG D 14 0.78 13.59 20.43
C ARG D 14 2.24 14.01 20.69
N CYS D 15 3.04 14.20 19.64
CA CYS D 15 4.50 14.48 19.82
C CYS D 15 4.89 15.91 19.43
N ASN D 16 3.98 16.70 18.86
CA ASN D 16 4.26 18.11 18.47
C ASN D 16 5.16 18.28 17.23
N SER D 17 5.42 17.22 16.48
CA SER D 17 6.24 17.40 15.29
C SER D 17 5.40 18.00 14.17
N MET D 18 6.08 18.61 13.21
CA MET D 18 5.47 19.17 12.01
C MET D 18 5.69 18.28 10.79
N GLU D 19 6.37 17.16 10.96
CA GLU D 19 6.60 16.21 9.87
C GLU D 19 5.39 15.29 9.77
N THR D 20 4.26 15.88 9.38
CA THR D 20 2.98 15.19 9.29
C THR D 20 2.42 15.29 7.87
N LYS D 21 1.43 14.46 7.60
CA LYS D 21 0.84 14.37 6.27
C LYS D 21 -0.62 13.95 6.40
N PHE D 22 -1.49 14.61 5.65
CA PHE D 22 -2.85 14.14 5.50
C PHE D 22 -2.84 12.84 4.72
N CYS D 23 -3.67 11.88 5.17
CA CYS D 23 -3.71 10.57 4.53
C CYS D 23 -5.04 10.26 3.86
N TYR D 24 -6.15 10.41 4.58
CA TYR D 24 -7.46 10.10 4.02
C TYR D 24 -8.53 10.64 4.97
N TYR D 25 -9.75 10.73 4.45
CA TYR D 25 -10.89 11.14 5.27
C TYR D 25 -11.48 9.89 5.89
N ASN D 26 -11.40 9.78 7.22
CA ASN D 26 -11.84 8.57 7.90
C ASN D 26 -13.37 8.48 7.89
N ASN D 27 -13.87 7.26 7.76
CA ASN D 27 -15.30 6.99 7.81
C ASN D 27 -16.08 7.80 6.77
N TYR D 28 -15.45 8.05 5.62
CA TYR D 28 -16.09 8.75 4.49
C TYR D 28 -16.64 10.10 4.88
N ASN D 29 -16.03 10.74 5.88
CA ASN D 29 -16.51 12.01 6.41
C ASN D 29 -15.49 13.10 6.16
N VAL D 30 -15.91 14.19 5.52
CA VAL D 30 -14.98 15.28 5.24
C VAL D 30 -14.57 15.97 6.55
N ASN D 31 -15.32 15.76 7.61
CA ASN D 31 -15.01 16.33 8.92
C ASN D 31 -14.06 15.47 9.73
N GLN D 32 -13.58 14.35 9.18
CA GLN D 32 -12.63 13.49 9.86
C GLN D 32 -11.34 13.32 9.05
N PRO D 33 -10.64 14.43 8.75
CA PRO D 33 -9.37 14.30 8.04
C PRO D 33 -8.35 13.62 8.94
N ARG D 34 -7.87 12.47 8.50
CA ARG D 34 -6.92 11.66 9.26
C ARG D 34 -5.51 11.91 8.75
N HIS D 35 -4.60 12.25 9.66
CA HIS D 35 -3.22 12.58 9.36
C HIS D 35 -2.30 11.51 9.94
N PHE D 36 -1.02 11.58 9.55
CA PHE D 36 0.01 10.71 10.09
C PHE D 36 1.23 11.55 10.44
N CYS D 37 1.80 11.25 11.59
CA CYS D 37 3.03 11.88 12.06
C CYS D 37 4.19 10.92 11.84
N LYS D 38 5.01 11.20 10.83
CA LYS D 38 6.16 10.34 10.52
C LYS D 38 7.10 10.19 11.71
N ALA D 39 7.15 11.19 12.60
CA ALA D 39 8.01 11.10 13.77
C ALA D 39 7.52 10.01 14.72
N CYS D 40 6.26 10.11 15.19
CA CYS D 40 5.75 9.15 16.20
C CYS D 40 5.14 7.89 15.56
N GLN D 41 5.13 7.80 14.23
CA GLN D 41 4.66 6.59 13.57
C GLN D 41 3.22 6.29 14.01
N ARG D 42 2.43 7.34 14.22
CA ARG D 42 1.05 7.19 14.66
C ARG D 42 0.12 8.13 13.91
N TYR D 43 -1.05 7.60 13.56
CA TYR D 43 -2.11 8.37 12.93
C TYR D 43 -2.92 9.13 13.99
N TRP D 44 -3.56 10.21 13.55
CA TRP D 44 -4.56 10.87 14.35
C TRP D 44 -5.62 11.46 13.43
N THR D 45 -6.83 11.59 13.95
CA THR D 45 -7.93 12.23 13.23
C THR D 45 -8.08 13.65 13.75
N SER D 46 -7.88 14.63 12.86
CA SER D 46 -7.89 16.02 13.27
C SER D 46 -9.28 16.43 13.72
N GLY D 47 -9.36 17.04 14.89
CA GLY D 47 -10.62 17.43 15.47
C GLY D 47 -11.33 16.34 16.23
N GLY D 48 -10.79 15.12 16.23
CA GLY D 48 -11.39 14.02 16.94
C GLY D 48 -10.58 13.67 18.17
N THR D 49 -11.12 12.74 18.94
CA THR D 49 -10.43 12.29 20.13
C THR D 49 -9.33 11.29 19.75
N MET D 50 -8.31 11.20 20.58
CA MET D 50 -7.21 10.26 20.38
C MET D 50 -7.14 9.29 21.54
N ARG D 51 -6.73 8.06 21.25
CA ARG D 51 -6.47 7.05 22.26
C ARG D 51 -5.01 6.64 22.20
N SER D 52 -4.52 6.06 23.30
CA SER D 52 -3.11 5.71 23.39
C SER D 52 -2.83 4.48 22.53
N VAL D 53 -2.17 4.70 21.40
CA VAL D 53 -1.90 3.60 20.47
C VAL D 53 -0.40 3.34 20.48
N PRO D 54 0.04 2.11 20.20
CA PRO D 54 1.48 1.81 20.16
C PRO D 54 2.23 2.68 19.17
N ILE D 55 3.29 3.34 19.66
CA ILE D 55 4.17 4.13 18.81
C ILE D 55 4.86 3.16 17.84
N GLY D 56 4.51 3.26 16.56
CA GLY D 56 5.04 2.34 15.56
C GLY D 56 3.96 1.65 14.74
#